data_6J2B
#
_entry.id   6J2B
#
_cell.length_a   44.840
_cell.length_b   105.880
_cell.length_c   47.440
_cell.angle_alpha   90.00
_cell.angle_beta   101.16
_cell.angle_gamma   90.00
#
_symmetry.space_group_name_H-M   'P 1 21 1'
#
loop_
_entity.id
_entity.type
_entity.pdbx_description
1 polymer Beta-lactamase
2 non-polymer 'TRANS-ENAMINE INTERMEDIATE OF SULBACTAM'
3 non-polymer GLYCEROL
4 water water
#
_entity_poly.entity_id   1
_entity_poly.type   'polypeptide(L)'
_entity_poly.pdbx_seq_one_letter_code
;HHHHHHSSGLVPRGSHMASGGTELQTADVQQKLAELERQSGGRLGVALINTADNSQILYRADERFPMCSTSKVMAAAAVL
KQSETQKQLLNQPVEIKPADLVNYNPIAEKHVNGTMTLAELSAAALQYTDNTAMNKLIAQLGGPGGVTAFARAIGDETFR
LDRTEPTLNTAIPGDPRDTTTPRAMAQTLRQLTLGHALGETQRAQLVTWLKGNTTGAASIRAGLPASWVVGDKTGSGGYG
TTNDIAVIWPKDRAPLILVTYFTQPQPKAESRRDVLASAAKIVTDGL
;
_entity_poly.pdbx_strand_id   A,B
#
loop_
_chem_comp.id
_chem_comp.type
_chem_comp.name
_chem_comp.formula
GOL non-polymer GLYCEROL 'C3 H8 O3'
TSL non-polymer 'TRANS-ENAMINE INTERMEDIATE OF SULBACTAM' 'C8 H13 N O5 S'
#
# COMPACT_ATOMS: atom_id res chain seq x y z
N ALA A 27 7.84 18.83 -24.99
CA ALA A 27 8.38 20.24 -24.94
C ALA A 27 8.77 20.64 -23.49
N ASP A 28 7.84 21.24 -22.76
CA ASP A 28 7.93 21.47 -21.31
C ASP A 28 8.20 20.07 -20.63
N VAL A 29 7.27 19.14 -20.83
CA VAL A 29 7.36 17.81 -20.24
C VAL A 29 8.67 17.08 -20.53
N GLN A 30 9.09 17.07 -21.79
CA GLN A 30 10.30 16.39 -22.17
C GLN A 30 11.50 17.00 -21.55
N GLN A 31 11.54 18.31 -21.47
CA GLN A 31 12.64 18.93 -20.85
C GLN A 31 12.70 18.64 -19.34
N LYS A 32 11.51 18.63 -18.70
CA LYS A 32 11.44 18.35 -17.28
C LYS A 32 11.86 16.90 -16.94
N LEU A 33 11.44 15.94 -17.76
CA LEU A 33 11.92 14.56 -17.54
C LEU A 33 13.33 14.41 -17.72
N ALA A 34 13.94 15.13 -18.69
CA ALA A 34 15.40 15.09 -18.79
C ALA A 34 16.13 15.72 -17.64
N GLU A 35 15.58 16.83 -17.16
CA GLU A 35 16.14 17.45 -15.98
C GLU A 35 16.07 16.50 -14.79
N LEU A 36 14.95 15.75 -14.65
CA LEU A 36 14.83 14.83 -13.59
C LEU A 36 15.87 13.73 -13.67
N GLU A 37 15.90 13.16 -14.89
CA GLU A 37 16.88 12.10 -15.13
C GLU A 37 18.32 12.55 -14.86
N ARG A 38 18.66 13.74 -15.31
CA ARG A 38 20.05 14.18 -15.14
C ARG A 38 20.45 14.36 -13.69
N GLN A 39 19.53 14.63 -12.77
CA GLN A 39 19.87 14.70 -11.35
C GLN A 39 19.67 13.43 -10.54
N SER A 40 19.24 12.37 -11.26
CA SER A 40 18.76 11.16 -10.54
C SER A 40 19.84 10.16 -10.30
N GLY A 41 20.95 10.25 -11.04
CA GLY A 41 21.96 9.22 -10.98
C GLY A 41 21.56 7.89 -11.66
N GLY A 42 20.62 7.93 -12.58
CA GLY A 42 20.27 6.73 -13.29
C GLY A 42 19.64 7.01 -14.63
N ARG A 43 18.96 5.97 -15.12
CA ARG A 43 18.22 5.98 -16.37
C ARG A 43 16.74 5.93 -16.01
N LEU A 44 15.93 6.70 -16.73
CA LEU A 44 14.51 6.81 -16.52
C LEU A 44 13.76 6.50 -17.79
N GLY A 45 12.73 5.66 -17.69
CA GLY A 45 11.87 5.27 -18.78
C GLY A 45 10.44 5.55 -18.44
N VAL A 46 9.72 6.30 -19.25
CA VAL A 46 8.32 6.69 -18.97
C VAL A 46 7.38 6.47 -20.14
N ALA A 47 6.23 5.86 -19.91
CA ALA A 47 5.22 5.88 -20.92
C ALA A 47 3.89 6.14 -20.25
N LEU A 48 3.22 7.24 -20.60
CA LEU A 48 1.87 7.59 -20.17
C LEU A 48 0.92 7.47 -21.32
N ILE A 49 -0.16 6.77 -21.12
CA ILE A 49 -1.28 6.77 -22.06
C ILE A 49 -2.44 7.40 -21.36
N ASN A 50 -3.01 8.47 -21.99
CA ASN A 50 -4.20 9.08 -21.48
C ASN A 50 -5.40 8.49 -22.25
N THR A 51 -6.26 7.67 -21.63
CA THR A 51 -7.32 7.02 -22.39
C THR A 51 -8.45 7.96 -22.83
N ALA A 52 -8.43 9.16 -22.34
CA ALA A 52 -9.44 10.20 -22.79
C ALA A 52 -9.23 10.38 -24.29
N ASP A 53 -7.97 10.38 -24.76
CA ASP A 53 -7.71 10.68 -26.16
C ASP A 53 -6.66 9.81 -26.83
N ASN A 54 -6.25 8.77 -26.13
CA ASN A 54 -5.17 7.92 -26.59
C ASN A 54 -3.84 8.65 -26.83
N SER A 55 -3.61 9.79 -26.26
CA SER A 55 -2.36 10.49 -26.34
C SER A 55 -1.31 9.76 -25.52
N GLN A 56 -0.07 9.97 -25.86
CA GLN A 56 1.06 9.32 -25.13
C GLN A 56 2.10 10.33 -24.78
N ILE A 57 2.74 10.17 -23.64
CA ILE A 57 3.85 10.93 -23.25
C ILE A 57 4.96 9.87 -23.03
N LEU A 58 6.13 9.95 -23.87
CA LEU A 58 7.17 8.93 -23.93
C LEU A 58 8.49 9.51 -23.59
N TYR A 59 9.31 8.76 -22.84
CA TYR A 59 10.63 9.15 -22.52
C TYR A 59 11.47 7.85 -22.39
N ARG A 60 12.37 7.60 -23.32
CA ARG A 60 13.11 6.34 -23.42
C ARG A 60 12.13 5.17 -23.50
N ALA A 61 10.98 5.40 -24.16
CA ALA A 61 9.90 4.43 -24.10
C ALA A 61 10.17 3.20 -25.01
N ASP A 62 11.15 3.25 -25.89
CA ASP A 62 11.51 2.10 -26.66
C ASP A 62 12.83 1.49 -26.19
N GLU A 63 13.42 1.98 -25.10
CA GLU A 63 14.56 1.27 -24.51
C GLU A 63 14.09 0.16 -23.59
N ARG A 64 14.91 -0.87 -23.48
CA ARG A 64 14.64 -2.00 -22.59
C ARG A 64 15.06 -1.65 -21.16
N PHE A 65 14.25 -2.07 -20.21
CA PHE A 65 14.54 -1.98 -18.78
C PHE A 65 14.18 -3.27 -18.10
N PRO A 66 14.90 -3.63 -17.05
CA PRO A 66 14.51 -4.78 -16.27
C PRO A 66 13.18 -4.61 -15.59
N MET A 67 12.23 -5.52 -15.79
CA MET A 67 10.92 -5.40 -15.16
C MET A 67 10.86 -5.60 -13.68
N CYS A 68 11.72 -6.46 -13.19
CA CYS A 68 11.64 -6.97 -11.84
C CYS A 68 10.19 -7.37 -11.55
N SER A 69 9.66 -7.00 -10.38
CA SER A 69 8.31 -7.57 -9.97
C SER A 69 7.19 -6.97 -10.80
N THR A 70 7.42 -6.04 -11.67
CA THR A 70 6.30 -5.59 -12.52
C THR A 70 5.86 -6.69 -13.51
N SER A 71 6.77 -7.63 -13.73
CA SER A 71 6.42 -8.83 -14.53
C SER A 71 5.36 -9.65 -13.89
N LYS A 72 5.09 -9.50 -12.59
CA LYS A 72 4.05 -10.30 -11.93
C LYS A 72 2.69 -10.00 -12.48
N VAL A 73 2.44 -8.84 -13.02
CA VAL A 73 1.23 -8.55 -13.67
C VAL A 73 0.98 -9.49 -14.85
N MET A 74 1.94 -9.70 -15.71
CA MET A 74 1.73 -10.58 -16.83
C MET A 74 1.46 -11.96 -16.35
N ALA A 75 2.16 -12.43 -15.32
CA ALA A 75 1.89 -13.80 -14.85
C ALA A 75 0.53 -13.97 -14.23
N ALA A 76 0.10 -13.06 -13.36
CA ALA A 76 -1.24 -13.14 -12.79
C ALA A 76 -2.30 -13.04 -13.86
N ALA A 77 -2.14 -12.21 -14.87
CA ALA A 77 -3.07 -12.09 -15.95
C ALA A 77 -3.13 -13.36 -16.78
N ALA A 78 -2.01 -14.05 -16.94
CA ALA A 78 -1.98 -15.28 -17.78
C ALA A 78 -2.79 -16.34 -17.02
N VAL A 79 -2.65 -16.40 -15.71
CA VAL A 79 -3.43 -17.34 -14.86
C VAL A 79 -4.89 -16.96 -14.88
N LEU A 80 -5.28 -15.69 -14.85
CA LEU A 80 -6.61 -15.26 -15.05
C LEU A 80 -7.14 -15.75 -16.36
N LYS A 81 -6.35 -15.60 -17.44
CA LYS A 81 -6.77 -16.10 -18.75
C LYS A 81 -7.07 -17.58 -18.66
N GLN A 82 -6.18 -18.35 -18.07
CA GLN A 82 -6.43 -19.80 -17.90
C GLN A 82 -7.67 -20.01 -17.20
N SER A 83 -8.03 -19.23 -16.18
CA SER A 83 -9.28 -19.45 -15.42
C SER A 83 -10.55 -19.16 -16.24
N GLU A 84 -10.48 -18.62 -17.41
CA GLU A 84 -11.65 -18.46 -18.27
C GLU A 84 -12.04 -19.81 -18.79
N THR A 85 -11.13 -20.76 -18.92
CA THR A 85 -11.50 -22.06 -19.49
C THR A 85 -11.41 -23.19 -18.46
N GLN A 86 -10.60 -23.13 -17.41
CA GLN A 86 -10.55 -24.10 -16.34
C GLN A 86 -11.30 -23.54 -15.24
N LYS A 87 -12.49 -24.17 -15.12
CA LYS A 87 -13.43 -23.56 -14.27
C LYS A 87 -12.95 -23.99 -12.88
N GLN A 88 -12.91 -22.98 -12.06
CA GLN A 88 -12.45 -23.17 -10.66
C GLN A 88 -10.96 -23.12 -10.46
N LEU A 89 -10.19 -22.82 -11.52
CA LEU A 89 -8.74 -22.82 -11.40
C LEU A 89 -8.26 -22.02 -10.17
N LEU A 90 -8.84 -20.86 -9.93
CA LEU A 90 -8.32 -20.00 -8.86
C LEU A 90 -8.44 -20.63 -7.47
N ASN A 91 -9.34 -21.60 -7.34
CA ASN A 91 -9.52 -22.34 -6.09
C ASN A 91 -8.50 -23.48 -5.90
N GLN A 92 -7.75 -23.84 -6.93
CA GLN A 92 -6.90 -24.99 -6.91
C GLN A 92 -5.80 -24.78 -5.88
N PRO A 93 -5.59 -25.66 -4.88
CA PRO A 93 -4.51 -25.53 -3.92
C PRO A 93 -3.21 -25.98 -4.53
N VAL A 94 -2.13 -25.26 -4.21
CA VAL A 94 -0.82 -25.54 -4.63
C VAL A 94 0.06 -25.72 -3.37
N GLU A 95 0.85 -26.79 -3.32
CA GLU A 95 1.74 -27.07 -2.21
C GLU A 95 2.90 -26.10 -2.11
N ILE A 96 3.18 -25.63 -0.92
CA ILE A 96 4.35 -24.78 -0.63
C ILE A 96 5.31 -25.56 0.26
N LYS A 97 6.51 -25.73 -0.14
CA LYS A 97 7.50 -26.52 0.61
C LYS A 97 8.61 -25.59 1.04
N PRO A 98 9.41 -26.01 2.04
CA PRO A 98 10.52 -25.15 2.47
C PRO A 98 11.48 -24.74 1.41
N ALA A 99 11.80 -25.63 0.46
CA ALA A 99 12.71 -25.34 -0.61
C ALA A 99 12.17 -24.27 -1.60
N ASP A 100 10.86 -24.00 -1.57
CA ASP A 100 10.25 -22.97 -2.38
C ASP A 100 10.47 -21.55 -1.90
N LEU A 101 10.84 -21.34 -0.65
CA LEU A 101 10.97 -20.05 -0.13
C LEU A 101 12.14 -19.32 -0.74
N VAL A 102 11.87 -18.13 -1.29
CA VAL A 102 12.88 -17.24 -1.87
C VAL A 102 12.64 -15.80 -1.36
N ASN A 103 13.66 -14.98 -1.32
CA ASN A 103 13.51 -13.61 -0.87
C ASN A 103 12.61 -12.81 -1.83
N TYR A 104 11.64 -12.01 -1.35
CA TYR A 104 10.96 -12.15 -0.06
C TYR A 104 9.69 -13.06 -0.16
N ASN A 105 9.25 -13.57 0.97
CA ASN A 105 8.12 -14.49 1.00
C ASN A 105 7.17 -14.22 2.22
N PRO A 106 6.62 -13.01 2.33
CA PRO A 106 5.86 -12.56 3.51
C PRO A 106 4.59 -13.37 3.63
N ILE A 107 3.98 -13.85 2.53
CA ILE A 107 2.75 -14.58 2.58
C ILE A 107 3.09 -16.07 2.56
N ALA A 108 3.84 -16.56 1.58
CA ALA A 108 4.15 -18.00 1.45
C ALA A 108 4.78 -18.65 2.63
N GLU A 109 5.57 -17.92 3.41
CA GLU A 109 6.15 -18.48 4.58
C GLU A 109 5.13 -19.05 5.59
N LYS A 110 3.96 -18.44 5.66
CA LYS A 110 2.90 -18.88 6.63
C LYS A 110 2.27 -20.17 6.20
N HIS A 111 2.53 -20.58 4.97
CA HIS A 111 1.91 -21.77 4.42
C HIS A 111 2.85 -22.87 4.06
N VAL A 112 4.09 -22.77 4.51
CA VAL A 112 5.11 -23.79 4.23
C VAL A 112 4.69 -25.13 4.84
N ASN A 113 4.85 -26.19 4.11
CA ASN A 113 4.30 -27.54 4.42
C ASN A 113 2.80 -27.58 4.39
N GLY A 114 2.25 -26.60 3.72
CA GLY A 114 0.81 -26.44 3.51
C GLY A 114 0.54 -26.07 2.02
N THR A 115 -0.56 -25.36 1.84
CA THR A 115 -1.01 -24.96 0.50
C THR A 115 -1.56 -23.55 0.48
N MET A 116 -1.48 -22.99 -0.75
CA MET A 116 -2.14 -21.74 -1.11
C MET A 116 -2.89 -21.99 -2.37
N THR A 117 -4.04 -21.32 -2.53
CA THR A 117 -4.78 -21.45 -3.73
C THR A 117 -4.18 -20.49 -4.81
N LEU A 118 -4.49 -20.79 -6.04
CA LEU A 118 -4.00 -19.89 -7.14
C LEU A 118 -4.52 -18.48 -6.99
N ALA A 119 -5.74 -18.26 -6.45
CA ALA A 119 -6.18 -16.86 -6.12
C ALA A 119 -5.28 -16.28 -5.05
N GLU A 120 -4.90 -17.03 -3.99
CA GLU A 120 -4.06 -16.46 -2.97
C GLU A 120 -2.70 -16.18 -3.46
N LEU A 121 -2.20 -17.01 -4.36
CA LEU A 121 -0.84 -16.82 -4.90
C LEU A 121 -0.86 -15.63 -5.83
N SER A 122 -1.93 -15.39 -6.58
CA SER A 122 -2.03 -14.23 -7.47
C SER A 122 -2.10 -12.96 -6.63
N ALA A 123 -2.91 -12.92 -5.61
CA ALA A 123 -2.94 -11.76 -4.71
C ALA A 123 -1.67 -11.47 -4.01
N ALA A 124 -1.04 -12.54 -3.56
CA ALA A 124 0.24 -12.46 -2.88
C ALA A 124 1.27 -11.85 -3.78
N ALA A 125 1.34 -12.34 -5.00
CA ALA A 125 2.37 -11.89 -5.95
C ALA A 125 2.08 -10.44 -6.31
N LEU A 126 0.83 -10.04 -6.51
CA LEU A 126 0.47 -8.70 -6.96
C LEU A 126 0.55 -7.64 -5.88
N GLN A 127 0.04 -7.98 -4.72
CA GLN A 127 -0.22 -6.98 -3.69
C GLN A 127 0.85 -6.84 -2.67
N TYR A 128 1.77 -7.81 -2.66
CA TYR A 128 2.87 -7.80 -1.71
C TYR A 128 4.19 -8.04 -2.43
N THR A 129 5.25 -8.23 -1.65
CA THR A 129 6.57 -8.47 -2.22
C THR A 129 6.75 -9.97 -2.72
N ASP A 130 5.76 -10.83 -2.59
CA ASP A 130 6.03 -12.25 -2.43
C ASP A 130 6.52 -12.94 -3.72
N ASN A 131 7.79 -13.35 -3.68
CA ASN A 131 8.52 -13.92 -4.86
C ASN A 131 8.27 -15.40 -4.95
N THR A 132 7.97 -16.07 -3.84
CA THR A 132 7.62 -17.51 -3.93
C THR A 132 6.27 -17.61 -4.69
N ALA A 133 5.32 -16.72 -4.34
CA ALA A 133 4.01 -16.75 -4.98
C ALA A 133 4.14 -16.59 -6.53
N MET A 134 5.01 -15.71 -6.98
CA MET A 134 5.31 -15.57 -8.42
C MET A 134 5.85 -16.86 -8.98
N ASN A 135 6.79 -17.53 -8.30
CA ASN A 135 7.31 -18.77 -8.86
C ASN A 135 6.24 -19.80 -9.05
N LYS A 136 5.25 -19.84 -8.18
CA LYS A 136 4.12 -20.77 -8.39
C LYS A 136 3.26 -20.38 -9.56
N LEU A 137 3.04 -19.09 -9.83
CA LEU A 137 2.33 -18.63 -11.03
C LEU A 137 3.13 -19.06 -12.28
N ILE A 138 4.44 -18.83 -12.26
CA ILE A 138 5.29 -19.18 -13.40
C ILE A 138 5.23 -20.70 -13.67
N ALA A 139 5.30 -21.49 -12.59
CA ALA A 139 5.18 -22.94 -12.80
C ALA A 139 3.86 -23.37 -13.32
N GLN A 140 2.79 -22.70 -12.93
CA GLN A 140 1.48 -22.95 -13.47
C GLN A 140 1.32 -22.64 -14.92
N LEU A 141 2.19 -21.76 -15.43
CA LEU A 141 2.22 -21.36 -16.85
C LEU A 141 3.22 -22.13 -17.68
N GLY A 142 3.92 -23.05 -17.06
CA GLY A 142 4.94 -23.88 -17.77
C GLY A 142 6.29 -23.23 -17.86
N GLY A 143 6.60 -22.33 -16.94
CA GLY A 143 7.94 -21.75 -16.89
C GLY A 143 7.91 -20.36 -17.44
N PRO A 144 9.07 -19.66 -17.38
CA PRO A 144 9.14 -18.27 -17.85
C PRO A 144 8.65 -18.07 -19.27
N GLY A 145 8.92 -19.03 -20.15
CA GLY A 145 8.50 -19.03 -21.51
C GLY A 145 7.00 -19.06 -21.65
N GLY A 146 6.25 -19.63 -20.68
CA GLY A 146 4.80 -19.62 -20.76
C GLY A 146 4.25 -18.26 -20.46
N VAL A 147 4.98 -17.48 -19.64
CA VAL A 147 4.54 -16.12 -19.40
C VAL A 147 4.83 -15.27 -20.63
N THR A 148 5.95 -15.41 -21.28
CA THR A 148 6.24 -14.76 -22.55
C THR A 148 5.25 -15.19 -23.63
N ALA A 149 4.84 -16.48 -23.69
CA ALA A 149 3.84 -16.85 -24.66
C ALA A 149 2.52 -16.14 -24.51
N PHE A 150 2.07 -15.98 -23.25
CA PHE A 150 0.87 -15.25 -23.02
C PHE A 150 0.99 -13.82 -23.50
N ALA A 151 2.13 -13.16 -23.18
CA ALA A 151 2.35 -11.82 -23.69
C ALA A 151 2.19 -11.71 -25.22
N ARG A 152 2.77 -12.65 -25.91
CA ARG A 152 2.64 -12.68 -27.36
C ARG A 152 1.19 -12.90 -27.78
N ALA A 153 0.47 -13.75 -27.07
CA ALA A 153 -0.96 -14.02 -27.36
C ALA A 153 -1.79 -12.80 -27.24
N ILE A 154 -1.41 -11.82 -26.43
CA ILE A 154 -2.20 -10.55 -26.30
C ILE A 154 -1.53 -9.39 -27.05
N GLY A 155 -0.62 -9.69 -27.95
CA GLY A 155 -0.07 -8.66 -28.88
C GLY A 155 1.18 -7.96 -28.41
N ASP A 156 1.76 -8.46 -27.31
CA ASP A 156 2.97 -7.80 -26.77
C ASP A 156 4.15 -8.59 -27.39
N GLU A 157 4.88 -8.01 -28.31
CA GLU A 157 6.02 -8.66 -28.94
C GLU A 157 7.37 -8.28 -28.29
N THR A 158 7.31 -7.52 -27.21
CA THR A 158 8.46 -6.93 -26.55
C THR A 158 8.84 -7.60 -25.23
N PHE A 159 7.85 -7.91 -24.42
CA PHE A 159 8.05 -8.53 -23.12
C PHE A 159 8.82 -9.81 -23.27
N ARG A 160 9.70 -10.13 -22.33
CA ARG A 160 10.45 -11.38 -22.36
C ARG A 160 10.86 -11.90 -20.96
N LEU A 161 10.13 -12.86 -20.43
CA LEU A 161 10.49 -13.45 -19.13
C LEU A 161 11.39 -14.67 -19.40
N ASP A 162 12.58 -14.68 -18.80
CA ASP A 162 13.51 -15.78 -19.04
C ASP A 162 14.00 -16.50 -17.79
N ARG A 163 13.67 -15.97 -16.62
CA ARG A 163 14.12 -16.59 -15.38
C ARG A 163 13.15 -16.44 -14.21
N THR A 164 13.16 -17.44 -13.34
CA THR A 164 12.33 -17.47 -12.14
C THR A 164 12.81 -16.49 -11.11
N GLU A 165 12.12 -16.48 -9.98
CA GLU A 165 12.48 -15.61 -8.88
C GLU A 165 13.45 -16.39 -7.98
N PRO A 166 14.53 -15.74 -7.51
CA PRO A 166 14.68 -14.30 -7.47
C PRO A 166 15.58 -13.73 -8.60
N THR A 167 16.15 -14.61 -9.44
CA THR A 167 17.16 -14.12 -10.32
C THR A 167 16.65 -13.23 -11.42
N LEU A 168 15.34 -13.28 -11.73
CA LEU A 168 14.79 -12.38 -12.73
C LEU A 168 14.97 -10.93 -12.25
N ASN A 169 15.31 -10.62 -11.00
CA ASN A 169 15.57 -9.24 -10.54
C ASN A 169 16.99 -8.80 -10.53
N THR A 170 17.91 -9.54 -11.19
CA THR A 170 19.31 -9.07 -11.15
C THR A 170 19.50 -7.76 -11.75
N ALA A 171 18.76 -7.44 -12.80
CA ALA A 171 18.71 -6.13 -13.38
C ALA A 171 20.07 -5.61 -13.82
N ILE A 172 20.87 -6.47 -14.40
CA ILE A 172 22.23 -6.06 -14.84
C ILE A 172 22.06 -5.16 -16.07
N PRO A 173 22.81 -4.05 -16.10
CA PRO A 173 22.72 -3.19 -17.26
C PRO A 173 23.09 -3.93 -18.55
N GLY A 174 22.28 -3.77 -19.58
CA GLY A 174 22.59 -4.36 -20.86
C GLY A 174 21.96 -5.75 -21.02
N ASP A 175 21.55 -6.42 -19.94
CA ASP A 175 21.10 -7.78 -20.04
C ASP A 175 19.64 -7.71 -20.59
N PRO A 176 19.32 -8.46 -21.68
CA PRO A 176 17.98 -8.44 -22.18
C PRO A 176 17.05 -9.34 -21.41
N ARG A 177 17.56 -10.23 -20.60
CA ARG A 177 16.71 -11.12 -19.83
C ARG A 177 15.70 -10.38 -19.00
N ASP A 178 14.42 -10.80 -19.01
CA ASP A 178 13.47 -10.27 -18.04
C ASP A 178 13.25 -8.74 -18.21
N THR A 179 13.22 -8.33 -19.45
CA THR A 179 13.03 -6.92 -19.81
C THR A 179 11.82 -6.68 -20.66
N THR A 180 11.38 -5.41 -20.65
CA THR A 180 10.44 -4.85 -21.60
C THR A 180 10.80 -3.45 -21.89
N THR A 181 9.95 -2.81 -22.69
CA THR A 181 10.04 -1.33 -22.84
C THR A 181 8.87 -0.64 -22.18
N PRO A 182 9.02 0.58 -21.80
CA PRO A 182 7.84 1.36 -21.30
C PRO A 182 6.64 1.38 -22.22
N ARG A 183 6.88 1.60 -23.49
CA ARG A 183 5.79 1.65 -24.41
C ARG A 183 5.02 0.35 -24.44
N ALA A 184 5.77 -0.77 -24.53
CA ALA A 184 5.07 -2.03 -24.63
C ALA A 184 4.33 -2.35 -23.38
N MET A 185 4.93 -2.08 -22.24
CA MET A 185 4.27 -2.38 -20.99
C MET A 185 3.01 -1.54 -20.78
N ALA A 186 3.09 -0.25 -21.15
CA ALA A 186 1.87 0.60 -21.04
C ALA A 186 0.72 0.09 -21.93
N GLN A 187 1.04 -0.26 -23.16
CA GLN A 187 0.02 -0.81 -24.03
CA GLN A 187 0.10 -0.83 -24.10
C GLN A 187 -0.55 -2.10 -23.51
N THR A 188 0.30 -3.00 -22.98
CA THR A 188 -0.21 -4.21 -22.43
C THR A 188 -1.04 -4.01 -21.22
N LEU A 189 -0.59 -3.13 -20.31
CA LEU A 189 -1.38 -2.91 -19.10
C LEU A 189 -2.77 -2.31 -19.47
N ARG A 190 -2.80 -1.44 -20.47
CA ARG A 190 -4.09 -0.92 -20.97
C ARG A 190 -4.99 -2.03 -21.40
N GLN A 191 -4.43 -2.91 -22.23
CA GLN A 191 -5.27 -3.98 -22.76
C GLN A 191 -5.77 -4.89 -21.70
N LEU A 192 -4.94 -5.21 -20.69
CA LEU A 192 -5.34 -6.09 -19.60
C LEU A 192 -6.35 -5.55 -18.66
N THR A 193 -6.19 -4.28 -18.29
CA THR A 193 -7.03 -3.65 -17.28
C THR A 193 -8.25 -2.93 -17.78
N LEU A 194 -8.16 -2.45 -19.02
CA LEU A 194 -9.24 -1.61 -19.60
C LEU A 194 -9.77 -2.14 -20.86
N GLY A 195 -9.01 -2.96 -21.57
CA GLY A 195 -9.35 -3.52 -22.86
C GLY A 195 -9.95 -4.90 -22.69
N HIS A 196 -9.76 -5.68 -23.75
CA HIS A 196 -10.43 -6.98 -23.87
C HIS A 196 -9.47 -8.17 -23.97
N ALA A 197 -8.29 -7.99 -23.44
CA ALA A 197 -7.38 -9.13 -23.37
C ALA A 197 -7.89 -10.23 -22.47
N LEU A 198 -8.58 -9.87 -21.40
CA LEU A 198 -9.20 -10.80 -20.56
C LEU A 198 -10.68 -10.72 -20.65
N GLY A 199 -11.33 -11.80 -20.19
CA GLY A 199 -12.80 -11.74 -19.98
C GLY A 199 -13.22 -10.72 -18.96
N GLU A 200 -14.44 -10.23 -19.02
CA GLU A 200 -14.84 -9.13 -18.15
C GLU A 200 -14.66 -9.50 -16.66
N THR A 201 -15.04 -10.65 -16.19
CA THR A 201 -14.91 -11.01 -14.78
C THR A 201 -13.42 -11.00 -14.36
N GLN A 202 -12.57 -11.44 -15.26
CA GLN A 202 -11.14 -11.58 -14.98
C GLN A 202 -10.45 -10.22 -15.04
N ARG A 203 -10.84 -9.36 -15.98
CA ARG A 203 -10.32 -7.96 -16.02
C ARG A 203 -10.68 -7.29 -14.69
N ALA A 204 -11.92 -7.47 -14.22
CA ALA A 204 -12.35 -6.83 -12.98
C ALA A 204 -11.56 -7.39 -11.86
N GLN A 205 -11.27 -8.67 -11.80
CA GLN A 205 -10.45 -9.26 -10.74
C GLN A 205 -9.06 -8.64 -10.77
N LEU A 206 -8.48 -8.47 -11.94
CA LEU A 206 -7.14 -7.90 -12.03
C LEU A 206 -7.14 -6.50 -11.51
N VAL A 207 -8.13 -5.69 -11.89
CA VAL A 207 -8.18 -4.35 -11.37
C VAL A 207 -8.42 -4.33 -9.88
N THR A 208 -9.26 -5.16 -9.32
CA THR A 208 -9.42 -5.24 -7.88
C THR A 208 -8.10 -5.58 -7.16
N TRP A 209 -7.32 -6.51 -7.71
CA TRP A 209 -6.06 -6.88 -7.11
C TRP A 209 -5.11 -5.67 -7.15
N LEU A 210 -5.00 -5.02 -8.30
CA LEU A 210 -4.04 -3.93 -8.45
C LEU A 210 -4.43 -2.82 -7.47
N LYS A 211 -5.72 -2.48 -7.41
CA LYS A 211 -6.18 -1.43 -6.44
C LYS A 211 -5.89 -1.77 -5.00
N GLY A 212 -5.71 -3.03 -4.70
CA GLY A 212 -5.37 -3.46 -3.34
C GLY A 212 -3.92 -3.66 -3.05
N ASN A 213 -3.04 -3.18 -4.00
CA ASN A 213 -1.64 -3.27 -3.74
C ASN A 213 -1.26 -2.56 -2.44
N THR A 214 -0.35 -3.25 -1.75
CA THR A 214 0.18 -2.65 -0.50
C THR A 214 1.45 -1.88 -0.66
N THR A 215 2.19 -1.99 -1.75
CA THR A 215 3.58 -1.56 -1.85
C THR A 215 3.77 -0.24 -2.59
N GLY A 216 2.67 0.42 -2.99
CA GLY A 216 2.78 1.46 -4.00
C GLY A 216 2.80 2.93 -3.56
N ALA A 217 2.55 3.21 -2.32
CA ALA A 217 2.27 4.60 -1.93
C ALA A 217 3.42 5.59 -2.10
N ALA A 218 4.65 5.07 -2.11
CA ALA A 218 5.83 5.96 -2.25
C ALA A 218 6.21 6.17 -3.71
N SER A 219 5.56 5.48 -4.66
CA SER A 219 6.01 5.48 -6.07
C SER A 219 5.13 6.36 -6.91
N ILE A 220 4.53 5.89 -8.01
CA ILE A 220 3.65 6.74 -8.81
C ILE A 220 2.64 7.49 -7.99
N ARG A 221 1.99 6.77 -7.08
CA ARG A 221 0.92 7.40 -6.27
CA ARG A 221 0.94 7.39 -6.25
C ARG A 221 1.40 8.66 -5.52
N ALA A 222 2.63 8.67 -5.11
CA ALA A 222 3.21 9.85 -4.32
C ALA A 222 3.36 11.07 -5.17
N GLY A 223 3.28 10.94 -6.47
CA GLY A 223 3.24 12.10 -7.37
C GLY A 223 1.96 12.59 -7.84
N LEU A 224 0.86 12.01 -7.40
CA LEU A 224 -0.46 12.30 -7.87
C LEU A 224 -1.30 12.97 -6.75
N PRO A 225 -2.34 13.70 -7.17
CA PRO A 225 -3.28 14.17 -6.17
C PRO A 225 -3.85 13.06 -5.32
N ALA A 226 -4.08 13.36 -4.04
CA ALA A 226 -4.60 12.34 -3.10
C ALA A 226 -5.99 11.88 -3.44
N SER A 227 -6.81 12.66 -4.14
CA SER A 227 -8.12 12.14 -4.55
C SER A 227 -8.15 11.08 -5.65
N TRP A 228 -7.04 10.96 -6.39
CA TRP A 228 -7.07 10.03 -7.53
C TRP A 228 -6.93 8.60 -7.06
N VAL A 229 -7.53 7.68 -7.78
CA VAL A 229 -7.51 6.24 -7.33
C VAL A 229 -6.47 5.55 -8.22
N VAL A 230 -5.64 4.75 -7.59
CA VAL A 230 -4.50 4.09 -8.30
C VAL A 230 -4.53 2.59 -7.99
N GLY A 231 -4.36 1.81 -9.07
CA GLY A 231 -3.91 0.39 -8.95
C GLY A 231 -2.59 0.23 -9.54
N ASP A 232 -1.69 -0.45 -8.88
CA ASP A 232 -0.31 -0.44 -9.39
C ASP A 232 0.45 -1.69 -8.98
N LYS A 233 1.54 -1.93 -9.66
N LYS A 233 1.54 -1.93 -9.64
CA LYS A 233 2.54 -2.99 -9.28
CA LYS A 233 2.52 -3.00 -9.27
C LYS A 233 3.90 -2.40 -9.29
C LYS A 233 3.89 -2.43 -9.29
N THR A 234 4.59 -2.47 -8.14
CA THR A 234 6.00 -1.97 -8.06
C THR A 234 7.03 -3.08 -8.42
N GLY A 235 8.26 -2.68 -8.65
CA GLY A 235 9.32 -3.63 -8.76
C GLY A 235 10.60 -3.02 -8.20
N SER A 236 11.51 -3.92 -7.74
CA SER A 236 12.81 -3.52 -7.21
C SER A 236 13.80 -4.61 -7.61
N GLY A 237 15.07 -4.25 -7.79
CA GLY A 237 16.04 -5.30 -7.93
C GLY A 237 17.41 -4.69 -7.88
N GLY A 238 18.39 -5.48 -8.44
CA GLY A 238 19.77 -5.01 -8.45
C GLY A 238 19.98 -3.80 -9.21
N TYR A 239 21.11 -3.11 -9.00
CA TYR A 239 21.40 -1.88 -9.72
C TYR A 239 20.44 -0.77 -9.37
N GLY A 240 19.91 -0.82 -8.13
CA GLY A 240 18.99 0.21 -7.68
C GLY A 240 17.77 0.37 -8.52
N THR A 241 17.34 -0.79 -9.13
CA THR A 241 16.23 -0.74 -10.04
C THR A 241 14.96 -0.47 -9.25
N THR A 242 14.17 0.46 -9.72
CA THR A 242 12.99 0.94 -9.00
C THR A 242 11.91 1.26 -10.00
N ASN A 243 10.85 0.42 -10.00
CA ASN A 243 9.84 0.46 -11.05
C ASN A 243 8.44 0.56 -10.49
N ASP A 244 7.52 1.07 -11.29
CA ASP A 244 6.07 1.01 -11.02
C ASP A 244 5.29 1.12 -12.30
N ILE A 245 4.24 0.30 -12.38
CA ILE A 245 3.27 0.39 -13.48
C ILE A 245 1.90 0.50 -12.86
N ALA A 246 1.11 1.43 -13.39
CA ALA A 246 -0.12 1.83 -12.77
C ALA A 246 -1.29 2.16 -13.72
N VAL A 247 -2.51 1.81 -13.28
CA VAL A 247 -3.71 2.38 -13.84
C VAL A 247 -4.25 3.37 -12.83
N ILE A 248 -4.61 4.50 -13.43
CA ILE A 248 -4.91 5.66 -12.58
C ILE A 248 -6.26 6.19 -13.03
N TRP A 249 -7.16 6.43 -12.05
CA TRP A 249 -8.48 7.08 -12.27
C TRP A 249 -8.49 8.47 -11.61
N PRO A 250 -8.13 9.50 -12.38
CA PRO A 250 -8.26 10.83 -11.85
C PRO A 250 -9.72 11.08 -11.53
N LYS A 251 -9.97 12.12 -10.67
CA LYS A 251 -11.35 12.35 -10.19
C LYS A 251 -12.31 12.70 -11.34
N ASP A 252 -13.27 11.81 -11.58
CA ASP A 252 -14.22 11.93 -12.71
C ASP A 252 -13.59 12.24 -14.06
N ARG A 253 -12.51 11.53 -14.36
CA ARG A 253 -11.85 11.57 -15.63
C ARG A 253 -11.53 10.17 -16.13
N ALA A 254 -11.36 10.05 -17.43
CA ALA A 254 -10.99 8.76 -18.04
C ALA A 254 -9.59 8.33 -17.48
N PRO A 255 -9.46 7.03 -17.33
CA PRO A 255 -8.18 6.58 -16.73
C PRO A 255 -6.92 6.82 -17.57
N LEU A 256 -5.80 6.78 -16.85
CA LEU A 256 -4.45 6.91 -17.39
C LEU A 256 -3.76 5.56 -17.14
N ILE A 257 -2.86 5.20 -18.07
CA ILE A 257 -1.88 4.15 -17.81
C ILE A 257 -0.54 4.82 -17.68
N LEU A 258 0.26 4.46 -16.68
CA LEU A 258 1.59 5.06 -16.50
C LEU A 258 2.60 3.95 -16.13
N VAL A 259 3.68 3.90 -16.92
CA VAL A 259 4.85 3.06 -16.59
C VAL A 259 5.98 4.01 -16.30
N THR A 260 6.62 3.77 -15.14
CA THR A 260 7.86 4.47 -14.74
C THR A 260 8.92 3.47 -14.34
N TYR A 261 9.97 3.32 -15.16
CA TYR A 261 11.07 2.42 -14.87
C TYR A 261 12.33 3.24 -14.59
N PHE A 262 13.16 2.71 -13.70
CA PHE A 262 14.39 3.48 -13.31
C PHE A 262 15.46 2.47 -12.91
N THR A 263 16.69 2.67 -13.38
CA THR A 263 17.77 1.74 -13.00
C THR A 263 19.11 2.59 -12.95
N GLN A 264 20.08 2.02 -12.29
CA GLN A 264 21.27 2.87 -11.88
C GLN A 264 22.51 2.05 -12.25
N PRO A 265 23.67 2.74 -12.28
CA PRO A 265 24.82 2.04 -12.78
C PRO A 265 25.64 1.19 -11.83
N GLN A 266 25.42 1.35 -10.52
CA GLN A 266 26.17 0.53 -9.55
C GLN A 266 25.34 -0.59 -8.98
N PRO A 267 25.93 -1.79 -8.78
CA PRO A 267 25.13 -2.99 -8.46
C PRO A 267 24.31 -2.86 -7.21
N LYS A 268 24.88 -2.16 -6.22
CA LYS A 268 24.29 -2.03 -4.90
C LYS A 268 23.64 -0.70 -4.65
N ALA A 269 23.29 0.04 -5.70
CA ALA A 269 22.54 1.30 -5.57
C ALA A 269 21.21 1.18 -4.77
N GLU A 270 20.88 2.25 -4.07
CA GLU A 270 19.66 2.32 -3.28
C GLU A 270 18.44 2.62 -4.15
N SER A 271 17.28 2.20 -3.66
CA SER A 271 16.03 2.42 -4.35
C SER A 271 15.71 3.92 -4.42
N ARG A 272 15.08 4.33 -5.54
CA ARG A 272 14.73 5.76 -5.74
C ARG A 272 13.24 5.90 -6.08
N ARG A 273 12.36 5.51 -5.15
CA ARG A 273 10.92 5.64 -5.36
C ARG A 273 10.55 7.10 -5.62
N ASP A 274 11.30 8.01 -5.02
CA ASP A 274 11.05 9.44 -5.17
C ASP A 274 11.12 9.85 -6.64
N VAL A 275 12.06 9.27 -7.37
CA VAL A 275 12.24 9.58 -8.80
C VAL A 275 11.03 9.18 -9.57
N LEU A 276 10.40 8.07 -9.16
CA LEU A 276 9.18 7.65 -9.85
C LEU A 276 8.00 8.58 -9.56
N ALA A 277 7.90 8.96 -8.26
CA ALA A 277 6.88 9.95 -7.90
C ALA A 277 7.03 11.28 -8.66
N SER A 278 8.25 11.73 -8.81
CA SER A 278 8.53 12.94 -9.52
C SER A 278 8.20 12.86 -10.98
N ALA A 279 8.45 11.73 -11.61
CA ALA A 279 8.11 11.54 -13.01
C ALA A 279 6.59 11.54 -13.17
N ALA A 280 5.88 10.88 -12.25
CA ALA A 280 4.45 10.89 -12.30
C ALA A 280 3.87 12.28 -12.18
N LYS A 281 4.42 13.08 -11.28
CA LYS A 281 3.92 14.45 -11.15
C LYS A 281 4.22 15.24 -12.43
N ILE A 282 5.36 15.12 -13.05
CA ILE A 282 5.68 15.85 -14.26
C ILE A 282 4.75 15.53 -15.41
N VAL A 283 4.45 14.25 -15.62
CA VAL A 283 3.62 13.87 -16.77
C VAL A 283 2.13 14.07 -16.51
N THR A 284 1.71 14.28 -15.23
CA THR A 284 0.27 14.46 -15.01
C THR A 284 -0.04 15.95 -14.71
N ASP A 285 0.97 16.81 -14.49
CA ASP A 285 0.71 18.22 -14.10
C ASP A 285 -0.07 18.96 -15.17
N GLY A 286 0.11 18.55 -16.39
CA GLY A 286 -0.69 19.08 -17.47
C GLY A 286 -1.97 18.25 -17.55
N ALA B 27 26.46 7.18 19.21
CA ALA B 27 25.08 7.09 18.51
C ALA B 27 23.70 7.24 19.30
N ASP B 28 22.97 8.33 19.08
CA ASP B 28 21.95 8.67 20.06
C ASP B 28 20.58 8.93 19.50
N VAL B 29 19.70 8.05 19.87
CA VAL B 29 18.34 8.05 19.27
C VAL B 29 17.56 9.33 19.55
N GLN B 30 17.62 9.87 20.81
CA GLN B 30 17.05 11.13 21.08
C GLN B 30 17.62 12.28 20.28
N GLN B 31 18.96 12.36 20.12
CA GLN B 31 19.59 13.36 19.24
C GLN B 31 19.03 13.31 17.84
N LYS B 32 18.93 12.11 17.27
CA LYS B 32 18.45 11.89 15.89
C LYS B 32 16.99 12.30 15.69
N LEU B 33 16.15 11.99 16.67
CA LEU B 33 14.79 12.37 16.60
C LEU B 33 14.61 13.86 16.74
N ALA B 34 15.33 14.47 17.68
CA ALA B 34 15.27 15.92 17.85
C ALA B 34 15.74 16.66 16.58
N GLU B 35 16.76 16.12 15.92
CA GLU B 35 17.30 16.73 14.68
C GLU B 35 16.26 16.63 13.56
N LEU B 36 15.59 15.49 13.44
CA LEU B 36 14.58 15.27 12.41
C LEU B 36 13.48 16.25 12.60
N GLU B 37 13.05 16.29 13.92
CA GLU B 37 11.95 17.19 14.21
C GLU B 37 12.33 18.70 13.80
N ARG B 38 13.47 19.16 14.27
CA ARG B 38 13.88 20.52 14.04
C ARG B 38 13.98 20.87 12.58
N GLN B 39 14.59 19.99 11.83
CA GLN B 39 14.77 20.18 10.41
C GLN B 39 13.49 20.13 9.61
N SER B 40 12.52 19.36 10.12
CA SER B 40 11.16 19.25 9.54
C SER B 40 10.28 20.45 9.77
N GLY B 41 10.58 21.22 10.83
CA GLY B 41 9.81 22.44 11.13
C GLY B 41 8.56 22.12 11.91
N GLY B 42 8.38 20.86 12.30
CA GLY B 42 7.14 20.50 12.96
C GLY B 42 7.31 19.94 14.36
N ARG B 43 6.33 19.14 14.78
CA ARG B 43 6.27 18.50 16.13
C ARG B 43 6.02 17.04 15.87
N LEU B 44 6.95 16.25 16.32
CA LEU B 44 7.06 14.79 16.10
C LEU B 44 6.82 14.02 17.43
N GLY B 45 5.95 13.03 17.36
CA GLY B 45 5.68 12.16 18.46
C GLY B 45 5.93 10.71 18.15
N VAL B 46 6.73 9.95 18.91
CA VAL B 46 7.06 8.61 18.60
C VAL B 46 6.94 7.70 19.83
N ALA B 47 6.28 6.58 19.71
CA ALA B 47 6.35 5.54 20.71
C ALA B 47 6.55 4.23 20.04
N LEU B 48 7.63 3.55 20.44
CA LEU B 48 7.90 2.18 20.04
C LEU B 48 7.80 1.23 21.23
N ILE B 49 7.17 0.13 21.04
CA ILE B 49 7.16 -0.97 22.03
C ILE B 49 7.85 -2.11 21.37
N ASN B 50 8.90 -2.67 22.04
CA ASN B 50 9.44 -3.95 21.58
C ASN B 50 8.79 -5.08 22.36
N THR B 51 8.02 -5.95 21.77
CA THR B 51 7.31 -6.97 22.52
C THR B 51 8.30 -8.10 22.98
N ALA B 52 9.50 -8.10 22.49
CA ALA B 52 10.49 -9.13 23.01
C ALA B 52 10.73 -8.96 24.50
N ASP B 53 10.70 -7.72 24.96
CA ASP B 53 11.05 -7.39 26.36
C ASP B 53 10.31 -6.28 27.01
N ASN B 54 9.28 -5.80 26.34
CA ASN B 54 8.46 -4.69 26.83
C ASN B 54 9.17 -3.37 26.90
N SER B 55 10.31 -3.26 26.25
CA SER B 55 11.00 -1.99 26.25
C SER B 55 10.35 -0.98 25.32
N GLN B 56 10.57 0.32 25.58
CA GLN B 56 9.99 1.41 24.74
C GLN B 56 11.10 2.38 24.33
N ILE B 57 10.83 3.10 23.25
CA ILE B 57 11.59 4.26 22.73
C ILE B 57 10.52 5.35 22.59
N LEU B 58 10.74 6.46 23.26
CA LEU B 58 9.70 7.50 23.38
C LEU B 58 10.24 8.88 23.04
N TYR B 59 9.45 9.66 22.31
CA TYR B 59 9.77 11.00 22.01
C TYR B 59 8.50 11.83 21.91
N ARG B 60 8.32 12.73 22.86
CA ARG B 60 7.07 13.46 22.94
C ARG B 60 5.98 12.38 22.92
N ALA B 61 6.11 11.37 23.79
CA ALA B 61 5.15 10.25 23.79
C ALA B 61 3.94 10.49 24.61
N ASP B 62 3.98 11.49 25.50
CA ASP B 62 2.82 11.82 26.31
C ASP B 62 2.12 13.10 25.83
N GLU B 63 2.60 13.73 24.74
CA GLU B 63 1.87 14.83 24.16
C GLU B 63 0.72 14.36 23.34
N ARG B 64 -0.32 15.15 23.29
CA ARG B 64 -1.48 14.90 22.43
C ARG B 64 -1.19 15.31 20.99
N PHE B 65 -1.65 14.46 20.05
CA PHE B 65 -1.59 14.76 18.63
C PHE B 65 -2.96 14.45 17.98
N PRO B 66 -3.35 15.17 16.96
CA PRO B 66 -4.52 14.77 16.19
C PRO B 66 -4.35 13.43 15.51
N MET B 67 -5.22 12.47 15.79
CA MET B 67 -5.12 11.15 15.22
C MET B 67 -5.39 11.08 13.74
N CYS B 68 -6.26 11.96 13.28
CA CYS B 68 -6.78 11.83 11.93
C CYS B 68 -7.19 10.39 11.67
N SER B 69 -6.90 9.83 10.51
CA SER B 69 -7.43 8.52 10.14
C SER B 69 -6.85 7.35 10.88
N THR B 70 -5.88 7.61 11.73
CA THR B 70 -5.43 6.54 12.63
C THR B 70 -6.47 6.13 13.66
N SER B 71 -7.43 7.01 13.87
CA SER B 71 -8.60 6.68 14.72
C SER B 71 -9.46 5.63 14.13
N LYS B 72 -9.37 5.35 12.82
CA LYS B 72 -10.23 4.35 12.16
C LYS B 72 -9.86 3.00 12.77
N VAL B 73 -8.67 2.75 13.30
CA VAL B 73 -8.38 1.50 13.96
C VAL B 73 -9.25 1.25 15.14
N MET B 74 -9.39 2.28 15.98
CA MET B 74 -10.27 2.14 17.15
C MET B 74 -11.70 1.87 16.73
N ALA B 75 -12.21 2.56 15.74
CA ALA B 75 -13.56 2.33 15.34
C ALA B 75 -13.77 0.95 14.77
N ALA B 76 -12.87 0.49 13.89
CA ALA B 76 -13.02 -0.86 13.34
C ALA B 76 -12.90 -1.89 14.43
N ALA B 77 -12.01 -1.69 15.33
CA ALA B 77 -11.86 -2.69 16.46
C ALA B 77 -13.13 -2.66 17.33
N ALA B 78 -13.74 -1.49 17.54
CA ALA B 78 -15.00 -1.38 18.34
C ALA B 78 -16.09 -2.23 17.67
N VAL B 79 -16.20 -2.16 16.35
CA VAL B 79 -17.23 -2.93 15.64
C VAL B 79 -16.84 -4.38 15.73
N LEU B 80 -15.60 -4.79 15.57
CA LEU B 80 -15.18 -6.17 15.87
C LEU B 80 -15.60 -6.63 17.23
N LYS B 81 -15.38 -5.81 18.22
CA LYS B 81 -15.84 -6.16 19.57
C LYS B 81 -17.32 -6.39 19.63
N GLN B 82 -18.09 -5.52 19.03
CA GLN B 82 -19.52 -5.77 18.96
C GLN B 82 -19.82 -7.10 18.36
N SER B 83 -19.11 -7.49 17.32
CA SER B 83 -19.35 -8.71 16.61
C SER B 83 -19.02 -10.00 17.41
N GLU B 84 -18.39 -9.84 18.56
CA GLU B 84 -18.13 -10.98 19.39
C GLU B 84 -19.41 -11.42 20.08
N THR B 85 -20.39 -10.52 20.18
CA THR B 85 -21.68 -10.87 20.80
C THR B 85 -22.86 -10.80 19.82
N GLN B 86 -22.80 -9.92 18.79
CA GLN B 86 -23.75 -9.93 17.65
C GLN B 86 -23.01 -10.68 16.56
N LYS B 87 -23.14 -12.01 16.54
CA LYS B 87 -22.21 -12.79 15.76
C LYS B 87 -22.28 -12.66 14.22
N GLN B 88 -23.42 -12.12 13.73
CA GLN B 88 -23.58 -11.90 12.32
C GLN B 88 -23.42 -10.46 11.94
N LEU B 89 -22.96 -9.60 12.87
CA LEU B 89 -22.91 -8.17 12.62
C LEU B 89 -22.03 -7.82 11.42
N LEU B 90 -20.95 -8.45 11.20
CA LEU B 90 -20.06 -8.06 10.11
C LEU B 90 -20.74 -8.29 8.73
N ASN B 91 -21.71 -9.17 8.62
CA ASN B 91 -22.40 -9.38 7.35
C ASN B 91 -23.55 -8.39 7.17
N GLN B 92 -23.90 -7.52 8.15
CA GLN B 92 -25.08 -6.66 8.05
C GLN B 92 -24.92 -5.66 6.91
N PRO B 93 -25.85 -5.67 5.96
CA PRO B 93 -25.90 -4.54 4.98
C PRO B 93 -26.18 -3.18 5.56
N VAL B 94 -25.44 -2.20 5.05
CA VAL B 94 -25.61 -0.81 5.40
C VAL B 94 -25.82 0.00 4.09
N GLU B 95 -26.89 0.78 4.07
CA GLU B 95 -27.15 1.71 2.94
C GLU B 95 -26.09 2.74 2.75
N ILE B 96 -25.63 2.93 1.49
CA ILE B 96 -24.71 4.02 1.09
C ILE B 96 -25.54 4.98 0.19
N LYS B 97 -25.85 6.14 0.70
CA LYS B 97 -26.61 7.18 -0.06
C LYS B 97 -25.66 8.20 -0.63
N PRO B 98 -26.01 8.90 -1.73
CA PRO B 98 -25.14 9.92 -2.26
C PRO B 98 -24.79 10.95 -1.17
N ALA B 99 -25.73 11.30 -0.29
CA ALA B 99 -25.44 12.31 0.73
C ALA B 99 -24.38 11.85 1.74
N ASP B 100 -24.09 10.57 1.78
CA ASP B 100 -23.06 10.05 2.73
C ASP B 100 -21.68 10.24 2.27
N LEU B 101 -21.45 10.56 1.01
CA LEU B 101 -20.12 10.77 0.49
C LEU B 101 -19.40 12.01 1.04
N VAL B 102 -18.24 11.75 1.60
CA VAL B 102 -17.39 12.74 2.23
C VAL B 102 -15.99 12.57 1.65
N ASN B 103 -15.25 13.61 1.44
CA ASN B 103 -13.88 13.53 0.91
C ASN B 103 -12.99 12.61 1.80
N TYR B 104 -12.13 11.69 1.30
CA TYR B 104 -12.20 10.84 0.12
C TYR B 104 -13.05 9.57 0.36
N ASN B 105 -13.64 9.01 -0.69
CA ASN B 105 -14.51 7.83 -0.62
C ASN B 105 -14.27 6.86 -1.78
N PRO B 106 -13.04 6.39 -1.93
CA PRO B 106 -12.74 5.57 -3.13
C PRO B 106 -13.47 4.25 -3.21
N ILE B 107 -13.91 3.69 -2.09
CA ILE B 107 -14.63 2.42 -2.07
C ILE B 107 -16.13 2.73 -2.03
N ALA B 108 -16.60 3.52 -1.06
CA ALA B 108 -18.01 3.73 -0.93
C ALA B 108 -18.62 4.38 -2.16
N GLU B 109 -17.88 5.19 -2.91
CA GLU B 109 -18.47 5.84 -4.12
C GLU B 109 -18.88 4.76 -5.13
N LYS B 110 -18.21 3.62 -5.14
CA LYS B 110 -18.56 2.59 -6.07
C LYS B 110 -19.85 1.91 -5.69
N HIS B 111 -20.29 2.05 -4.43
CA HIS B 111 -21.50 1.33 -3.94
C HIS B 111 -22.63 2.27 -3.57
N VAL B 112 -22.54 3.55 -3.94
CA VAL B 112 -23.63 4.48 -3.67
C VAL B 112 -24.91 3.96 -4.33
N ASN B 113 -26.02 4.21 -3.66
CA ASN B 113 -27.33 3.67 -4.01
C ASN B 113 -27.49 2.19 -3.89
N GLY B 114 -26.56 1.55 -3.18
CA GLY B 114 -26.57 0.12 -2.85
C GLY B 114 -26.23 -0.01 -1.35
N THR B 115 -25.75 -1.18 -0.98
CA THR B 115 -25.29 -1.44 0.39
C THR B 115 -23.89 -1.99 0.39
N MET B 116 -23.26 -1.87 1.55
CA MET B 116 -22.00 -2.53 1.85
C MET B 116 -22.20 -3.18 3.22
N THR B 117 -21.52 -4.32 3.42
CA THR B 117 -21.58 -4.95 4.77
C THR B 117 -20.63 -4.19 5.74
N LEU B 118 -20.87 -4.36 7.04
CA LEU B 118 -19.92 -3.82 8.02
C LEU B 118 -18.49 -4.36 7.86
N ALA B 119 -18.32 -5.60 7.41
CA ALA B 119 -16.96 -6.05 7.16
C ALA B 119 -16.34 -5.28 5.99
N GLU B 120 -17.15 -5.06 4.93
CA GLU B 120 -16.61 -4.32 3.75
C GLU B 120 -16.25 -2.88 4.15
N LEU B 121 -17.10 -2.24 4.93
CA LEU B 121 -16.88 -0.92 5.44
C LEU B 121 -15.63 -0.84 6.32
N SER B 122 -15.49 -1.85 7.18
CA SER B 122 -14.30 -1.89 8.02
C SER B 122 -12.98 -2.02 7.18
N ALA B 123 -13.03 -2.86 6.19
CA ALA B 123 -11.87 -3.03 5.27
C ALA B 123 -11.60 -1.79 4.53
N ALA B 124 -12.67 -1.11 4.06
CA ALA B 124 -12.55 0.13 3.28
C ALA B 124 -11.91 1.21 4.13
N ALA B 125 -12.40 1.36 5.36
CA ALA B 125 -11.91 2.37 6.28
C ALA B 125 -10.45 2.13 6.60
N LEU B 126 -10.09 0.89 6.85
CA LEU B 126 -8.74 0.57 7.25
C LEU B 126 -7.70 0.56 6.13
N GLN B 127 -8.08 -0.01 5.01
CA GLN B 127 -7.08 -0.27 3.94
C GLN B 127 -7.02 0.79 2.89
N TYR B 128 -8.04 1.61 2.81
CA TYR B 128 -8.10 2.69 1.82
C TYR B 128 -8.27 4.02 2.55
N THR B 129 -8.43 5.11 1.83
CA THR B 129 -8.60 6.40 2.52
C THR B 129 -10.06 6.68 3.01
N ASP B 130 -10.96 5.72 2.81
CA ASP B 130 -12.37 5.89 2.95
C ASP B 130 -12.99 6.49 4.20
N ASN B 131 -13.41 7.73 4.02
CA ASN B 131 -14.01 8.53 5.15
C ASN B 131 -15.46 8.24 5.28
N THR B 132 -16.17 7.92 4.20
CA THR B 132 -17.55 7.54 4.33
C THR B 132 -17.64 6.21 5.09
N ALA B 133 -16.75 5.26 4.81
CA ALA B 133 -16.79 4.00 5.53
C ALA B 133 -16.58 4.25 7.06
N MET B 134 -15.63 5.10 7.45
CA MET B 134 -15.50 5.51 8.84
C MET B 134 -16.75 6.05 9.44
N ASN B 135 -17.45 6.94 8.72
CA ASN B 135 -18.66 7.42 9.26
C ASN B 135 -19.70 6.36 9.51
N LYS B 136 -19.76 5.34 8.66
CA LYS B 136 -20.68 4.25 8.93
C LYS B 136 -20.28 3.45 10.14
N LEU B 137 -19.00 3.29 10.39
CA LEU B 137 -18.56 2.64 11.65
C LEU B 137 -18.94 3.44 12.86
N ILE B 138 -18.68 4.74 12.78
CA ILE B 138 -19.05 5.63 13.90
C ILE B 138 -20.56 5.49 14.18
N ALA B 139 -21.37 5.55 13.14
CA ALA B 139 -22.80 5.52 13.36
C ALA B 139 -23.22 4.22 13.96
N GLN B 140 -22.58 3.11 13.55
CA GLN B 140 -22.86 1.78 14.09
C GLN B 140 -22.62 1.80 15.59
N LEU B 141 -21.65 2.55 16.08
CA LEU B 141 -21.27 2.59 17.46
C LEU B 141 -21.99 3.63 18.28
N GLY B 142 -22.94 4.30 17.60
CA GLY B 142 -23.77 5.31 18.16
C GLY B 142 -23.18 6.68 18.29
N GLY B 143 -22.19 6.99 17.48
CA GLY B 143 -21.55 8.26 17.44
C GLY B 143 -20.14 8.24 17.96
N PRO B 144 -19.43 9.37 17.85
CA PRO B 144 -18.04 9.38 18.27
C PRO B 144 -17.82 8.91 19.67
N GLY B 145 -18.77 9.21 20.55
CA GLY B 145 -18.69 8.77 21.94
C GLY B 145 -18.66 7.28 22.12
N GLY B 146 -19.26 6.51 21.19
CA GLY B 146 -19.18 5.10 21.16
C GLY B 146 -17.83 4.52 20.90
N VAL B 147 -17.07 5.25 20.06
CA VAL B 147 -15.68 4.83 19.81
C VAL B 147 -14.92 5.12 21.08
N THR B 148 -15.06 6.27 21.72
CA THR B 148 -14.38 6.59 22.97
C THR B 148 -14.76 5.59 24.09
N ALA B 149 -16.00 5.12 24.12
CA ALA B 149 -16.45 4.23 25.13
C ALA B 149 -15.71 2.88 24.96
N PHE B 150 -15.52 2.40 23.72
CA PHE B 150 -14.75 1.21 23.51
C PHE B 150 -13.32 1.35 23.99
N ALA B 151 -12.68 2.49 23.62
CA ALA B 151 -11.35 2.76 24.11
C ALA B 151 -11.29 2.62 25.66
N ARG B 152 -12.27 3.20 26.37
CA ARG B 152 -12.33 3.12 27.81
C ARG B 152 -12.50 1.67 28.27
N ALA B 153 -13.28 0.89 27.53
CA ALA B 153 -13.50 -0.49 27.89
C ALA B 153 -12.25 -1.35 27.76
N ILE B 154 -11.31 -1.04 26.86
CA ILE B 154 -10.10 -1.77 26.74
C ILE B 154 -8.90 -1.10 27.45
N GLY B 155 -9.18 -0.15 28.34
CA GLY B 155 -8.14 0.41 29.19
C GLY B 155 -7.37 1.56 28.67
N ASP B 156 -7.92 2.22 27.63
CA ASP B 156 -7.23 3.40 27.05
C ASP B 156 -8.07 4.56 27.58
N GLU B 157 -7.45 5.30 28.53
CA GLU B 157 -8.08 6.43 29.14
C GLU B 157 -7.71 7.78 28.51
N THR B 158 -6.88 7.73 27.46
CA THR B 158 -6.33 8.89 26.77
C THR B 158 -7.07 9.26 25.51
N PHE B 159 -7.30 8.24 24.69
CA PHE B 159 -8.03 8.46 23.41
C PHE B 159 -9.33 9.19 23.57
N ARG B 160 -9.59 10.10 22.64
CA ARG B 160 -10.94 10.69 22.50
C ARG B 160 -11.32 10.87 21.08
N LEU B 161 -12.50 10.40 20.71
CA LEU B 161 -13.09 10.76 19.44
C LEU B 161 -14.32 11.68 19.73
N ASP B 162 -14.38 12.84 19.10
CA ASP B 162 -15.48 13.78 19.31
C ASP B 162 -16.23 14.23 18.05
N ARG B 163 -15.65 13.99 16.87
CA ARG B 163 -16.27 14.39 15.63
C ARG B 163 -16.35 13.28 14.63
N THR B 164 -17.19 13.44 13.65
CA THR B 164 -17.24 12.55 12.48
C THR B 164 -16.29 12.97 11.38
N GLU B 165 -16.32 12.29 10.26
CA GLU B 165 -15.46 12.67 9.14
C GLU B 165 -16.26 13.68 8.31
N PRO B 166 -15.58 14.73 7.81
CA PRO B 166 -14.15 14.91 7.77
C PRO B 166 -13.59 15.84 8.85
N THR B 167 -14.48 16.37 9.69
CA THR B 167 -13.98 17.37 10.58
C THR B 167 -13.08 16.85 11.69
N LEU B 168 -13.10 15.58 11.94
CA LEU B 168 -12.15 15.04 12.93
C LEU B 168 -10.70 15.27 12.50
N ASN B 169 -10.39 15.61 11.23
CA ASN B 169 -9.08 15.85 10.71
C ASN B 169 -8.58 17.30 10.71
N THR B 170 -9.31 18.21 11.37
CA THR B 170 -8.90 19.62 11.31
C THR B 170 -7.53 19.87 11.86
N ALA B 171 -7.18 19.12 12.92
CA ALA B 171 -5.85 19.12 13.47
C ALA B 171 -5.34 20.52 13.92
N ILE B 172 -6.23 21.28 14.55
CA ILE B 172 -5.86 22.63 14.96
C ILE B 172 -4.92 22.55 16.17
N PRO B 173 -3.82 23.29 16.18
CA PRO B 173 -2.93 23.25 17.34
C PRO B 173 -3.58 23.66 18.65
N GLY B 174 -3.40 22.85 19.67
CA GLY B 174 -4.01 23.12 20.93
C GLY B 174 -5.40 22.54 21.14
N ASP B 175 -6.03 22.04 20.08
CA ASP B 175 -7.37 21.45 20.19
C ASP B 175 -7.26 20.02 20.68
N PRO B 176 -7.94 19.69 21.80
CA PRO B 176 -7.83 18.33 22.28
C PRO B 176 -8.80 17.36 21.56
N ARG B 177 -9.74 17.88 20.80
CA ARG B 177 -10.67 16.99 20.13
C ARG B 177 -9.93 16.03 19.23
N ASP B 178 -10.42 14.80 19.24
CA ASP B 178 -9.94 13.74 18.28
C ASP B 178 -8.40 13.55 18.36
N THR B 179 -7.90 13.52 19.59
CA THR B 179 -6.46 13.30 19.84
C THR B 179 -6.22 12.10 20.75
N THR B 180 -4.96 11.66 20.74
CA THR B 180 -4.40 10.77 21.70
C THR B 180 -2.95 11.04 21.84
N THR B 181 -2.27 10.24 22.65
CA THR B 181 -0.81 10.37 22.81
C THR B 181 -0.13 9.18 22.13
N PRO B 182 1.09 9.34 21.68
CA PRO B 182 1.80 8.14 21.08
C PRO B 182 1.88 6.95 22.04
N ARG B 183 2.17 7.21 23.33
CA ARG B 183 2.32 6.13 24.23
C ARG B 183 0.99 5.36 24.39
N ALA B 184 -0.13 6.14 24.52
CA ALA B 184 -1.39 5.44 24.71
C ALA B 184 -1.78 4.63 23.46
N MET B 185 -1.60 5.26 22.29
CA MET B 185 -1.99 4.56 21.07
C MET B 185 -1.13 3.36 20.81
N ALA B 186 0.15 3.39 21.16
CA ALA B 186 1.08 2.21 21.01
C ALA B 186 0.57 1.12 21.91
N GLN B 187 0.24 1.46 23.17
CA GLN B 187 -0.26 0.44 24.09
C GLN B 187 -1.55 -0.18 23.60
N THR B 188 -2.47 0.69 23.15
CA THR B 188 -3.71 0.19 22.60
C THR B 188 -3.49 -0.66 21.39
N LEU B 189 -2.71 -0.24 20.47
CA LEU B 189 -2.54 -1.02 19.29
C LEU B 189 -1.89 -2.37 19.70
N ARG B 190 -1.00 -2.44 20.64
CA ARG B 190 -0.45 -3.68 21.09
C ARG B 190 -1.60 -4.56 21.60
N GLN B 191 -2.44 -4.01 22.48
CA GLN B 191 -3.52 -4.86 23.05
C GLN B 191 -4.44 -5.39 21.98
N LEU B 192 -4.78 -4.53 20.99
CA LEU B 192 -5.68 -4.95 19.90
C LEU B 192 -5.14 -5.99 18.98
N THR B 193 -3.90 -5.86 18.57
CA THR B 193 -3.31 -6.72 17.52
C THR B 193 -2.51 -7.91 18.06
N LEU B 194 -1.94 -7.80 19.25
CA LEU B 194 -1.05 -8.85 19.84
C LEU B 194 -1.60 -9.35 21.19
N GLY B 195 -2.38 -8.58 21.87
CA GLY B 195 -2.94 -8.91 23.19
C GLY B 195 -4.34 -9.37 23.12
N HIS B 196 -5.12 -9.06 24.15
CA HIS B 196 -6.42 -9.72 24.35
C HIS B 196 -7.60 -8.75 24.49
N ALA B 197 -7.45 -7.55 23.99
CA ALA B 197 -8.58 -6.62 23.91
C ALA B 197 -9.74 -7.23 23.13
N LEU B 198 -9.41 -7.96 22.05
CA LEU B 198 -10.37 -8.62 21.17
C LEU B 198 -10.27 -10.11 21.34
N GLY B 199 -11.32 -10.78 20.97
CA GLY B 199 -11.35 -12.20 20.86
C GLY B 199 -10.42 -12.67 19.77
N GLU B 200 -9.90 -13.89 19.82
CA GLU B 200 -8.89 -14.36 18.88
C GLU B 200 -9.21 -14.19 17.38
N THR B 201 -10.41 -14.50 16.99
CA THR B 201 -10.81 -14.38 15.57
C THR B 201 -10.82 -12.91 15.17
N GLN B 202 -11.23 -12.03 16.08
CA GLN B 202 -11.40 -10.65 15.82
C GLN B 202 -10.03 -10.01 15.81
N ARG B 203 -9.13 -10.50 16.66
CA ARG B 203 -7.76 -10.01 16.65
C ARG B 203 -7.10 -10.35 15.31
N ALA B 204 -7.23 -11.61 14.87
CA ALA B 204 -6.69 -12.06 13.64
C ALA B 204 -7.27 -11.28 12.43
N GLN B 205 -8.54 -10.98 12.44
CA GLN B 205 -9.20 -10.17 11.40
C GLN B 205 -8.61 -8.82 11.29
N LEU B 206 -8.43 -8.18 12.46
CA LEU B 206 -7.85 -6.84 12.48
C LEU B 206 -6.48 -6.88 11.87
N VAL B 207 -5.67 -7.82 12.29
CA VAL B 207 -4.29 -7.89 11.77
C VAL B 207 -4.29 -8.14 10.25
N THR B 208 -5.15 -9.04 9.77
CA THR B 208 -5.29 -9.32 8.33
C THR B 208 -5.62 -8.00 7.59
N TRP B 209 -6.53 -7.20 8.14
CA TRP B 209 -6.88 -5.95 7.49
C TRP B 209 -5.70 -5.02 7.49
N LEU B 210 -5.04 -4.80 8.65
CA LEU B 210 -3.89 -3.88 8.71
C LEU B 210 -2.77 -4.27 7.75
N LYS B 211 -2.48 -5.60 7.68
CA LYS B 211 -1.45 -6.08 6.76
C LYS B 211 -1.79 -5.80 5.32
N GLY B 212 -3.08 -5.63 5.00
CA GLY B 212 -3.51 -5.38 3.65
C GLY B 212 -3.71 -3.93 3.35
N ASN B 213 -3.24 -3.04 4.26
CA ASN B 213 -3.29 -1.63 4.02
C ASN B 213 -2.64 -1.23 2.66
N THR B 214 -3.31 -0.36 1.95
CA THR B 214 -2.75 0.15 0.64
C THR B 214 -2.01 1.39 0.77
N THR B 215 -2.09 2.13 1.85
CA THR B 215 -1.63 3.51 1.96
C THR B 215 -0.34 3.72 2.64
N GLY B 216 0.37 2.68 3.06
CA GLY B 216 1.45 2.84 3.98
C GLY B 216 2.88 2.81 3.53
N ALA B 217 3.16 2.53 2.26
CA ALA B 217 4.55 2.26 1.85
C ALA B 217 5.52 3.45 1.90
N ALA B 218 4.98 4.68 1.98
CA ALA B 218 5.86 5.83 2.15
C ALA B 218 6.12 6.24 3.56
N SER B 219 5.41 5.61 4.47
CA SER B 219 5.44 6.04 5.89
C SER B 219 6.32 5.15 6.73
N ILE B 220 5.90 4.55 7.88
CA ILE B 220 6.77 3.72 8.67
C ILE B 220 7.50 2.73 7.80
N ARG B 221 6.77 2.02 6.94
CA ARG B 221 7.38 0.90 6.16
C ARG B 221 8.58 1.33 5.36
N ALA B 222 8.60 2.55 4.88
CA ALA B 222 9.75 3.05 4.03
C ALA B 222 11.05 3.18 4.87
N GLY B 223 10.96 3.28 6.20
CA GLY B 223 12.09 3.32 7.07
C GLY B 223 12.64 2.00 7.55
N LEU B 224 11.99 0.89 7.21
CA LEU B 224 12.29 -0.44 7.71
C LEU B 224 12.92 -1.33 6.63
N PRO B 225 13.65 -2.34 7.08
CA PRO B 225 14.13 -3.31 6.10
C PRO B 225 13.01 -3.94 5.31
N ALA B 226 13.26 -4.10 4.03
CA ALA B 226 12.23 -4.64 3.15
C ALA B 226 11.69 -6.00 3.50
N SER B 227 12.46 -6.82 4.23
CA SER B 227 12.05 -8.13 4.56
C SER B 227 11.06 -8.13 5.70
N TRP B 228 10.94 -7.04 6.45
CA TRP B 228 10.00 -7.02 7.61
C TRP B 228 8.52 -6.91 7.19
N VAL B 229 7.63 -7.54 7.91
CA VAL B 229 6.22 -7.54 7.58
C VAL B 229 5.57 -6.47 8.44
N VAL B 230 4.73 -5.70 7.80
CA VAL B 230 4.07 -4.54 8.45
C VAL B 230 2.55 -4.51 8.23
N GLY B 231 1.78 -4.28 9.30
CA GLY B 231 0.42 -3.74 9.14
C GLY B 231 0.32 -2.41 9.69
N ASP B 232 -0.41 -1.52 9.06
CA ASP B 232 -0.42 -0.16 9.53
C ASP B 232 -1.67 0.58 9.10
N LYS B 233 -1.89 1.70 9.77
N LYS B 233 -1.85 1.74 9.74
CA LYS B 233 -2.93 2.64 9.35
CA LYS B 233 -2.92 2.67 9.39
C LYS B 233 -2.29 4.00 9.35
C LYS B 233 -2.38 4.09 9.39
N THR B 234 -2.46 4.76 8.25
CA THR B 234 -1.94 6.08 8.12
C THR B 234 -3.05 7.14 8.43
N GLY B 235 -2.62 8.39 8.62
CA GLY B 235 -3.59 9.46 8.64
C GLY B 235 -2.98 10.76 8.18
N SER B 236 -3.82 11.70 7.76
CA SER B 236 -3.34 13.00 7.28
C SER B 236 -4.45 14.04 7.32
N GLY B 237 -4.15 15.23 7.81
CA GLY B 237 -5.18 16.26 7.88
C GLY B 237 -4.69 17.68 7.78
N GLY B 238 -5.28 18.57 8.58
CA GLY B 238 -4.93 19.97 8.59
C GLY B 238 -3.62 20.20 9.30
N TYR B 239 -2.93 21.29 8.95
CA TYR B 239 -1.67 21.57 9.54
C TYR B 239 -0.59 20.56 9.14
N GLY B 240 -0.70 20.01 7.93
CA GLY B 240 0.27 19.12 7.44
C GLY B 240 0.43 17.85 8.30
N THR B 241 -0.66 17.50 8.97
CA THR B 241 -0.62 16.38 9.89
C THR B 241 -0.43 15.10 9.08
N THR B 242 0.54 14.29 9.53
CA THR B 242 0.96 13.10 8.82
C THR B 242 1.34 12.08 9.84
N ASN B 243 0.51 11.00 9.87
CA ASN B 243 0.54 10.01 10.95
C ASN B 243 0.65 8.58 10.38
N ASP B 244 1.21 7.69 11.19
CA ASP B 244 1.08 6.22 10.92
C ASP B 244 1.23 5.46 12.23
N ILE B 245 0.46 4.41 12.38
CA ILE B 245 0.57 3.46 13.49
C ILE B 245 0.72 2.11 12.93
N ALA B 246 1.65 1.33 13.46
CA ALA B 246 2.03 0.02 12.82
C ALA B 246 2.33 -1.09 13.82
N VAL B 247 1.97 -2.26 13.39
CA VAL B 247 2.48 -3.49 14.00
C VAL B 247 3.48 -4.05 13.02
N ILE B 248 4.67 -4.44 13.54
CA ILE B 248 5.80 -4.82 12.68
C ILE B 248 6.32 -6.18 13.13
N TRP B 249 6.49 -7.12 12.18
CA TRP B 249 7.19 -8.38 12.45
C TRP B 249 8.52 -8.38 11.73
N PRO B 250 9.58 -8.04 12.43
CA PRO B 250 10.91 -8.26 11.92
C PRO B 250 11.22 -9.73 11.66
N LYS B 251 12.24 -10.03 10.87
CA LYS B 251 12.55 -11.42 10.56
C LYS B 251 12.84 -12.35 11.72
N ASP B 252 11.97 -13.35 11.91
CA ASP B 252 12.00 -14.27 13.08
C ASP B 252 12.27 -13.63 14.47
N ARG B 253 11.81 -12.39 14.66
CA ARG B 253 11.96 -11.67 15.91
C ARG B 253 10.57 -11.40 16.48
N ALA B 254 10.50 -10.90 17.72
CA ALA B 254 9.16 -10.63 18.30
C ALA B 254 8.65 -9.34 17.69
N PRO B 255 7.31 -9.24 17.55
CA PRO B 255 6.86 -7.99 16.95
C PRO B 255 7.12 -6.70 17.72
N LEU B 256 7.11 -5.60 16.95
CA LEU B 256 7.21 -4.27 17.46
C LEU B 256 5.89 -3.53 17.19
N ILE B 257 5.58 -2.60 18.09
CA ILE B 257 4.47 -1.63 17.79
C ILE B 257 5.13 -0.27 17.70
N LEU B 258 4.78 0.52 16.68
CA LEU B 258 5.41 1.81 16.47
C LEU B 258 4.30 2.82 16.05
N VAL B 259 4.25 3.88 16.80
CA VAL B 259 3.39 5.04 16.51
C VAL B 259 4.29 6.18 16.14
N THR B 260 4.02 6.83 14.99
CA THR B 260 4.74 8.04 14.58
C THR B 260 3.66 9.07 14.19
N TYR B 261 3.60 10.14 14.97
CA TYR B 261 2.67 11.24 14.72
C TYR B 261 3.49 12.46 14.31
N PHE B 262 2.91 13.33 13.49
CA PHE B 262 3.66 14.55 13.00
C PHE B 262 2.69 15.61 12.62
N THR B 263 2.94 16.85 13.08
CA THR B 263 2.03 17.92 12.67
C THR B 263 2.89 19.23 12.58
N GLN B 264 2.35 20.22 11.91
CA GLN B 264 3.15 21.40 11.53
C GLN B 264 2.38 22.72 11.90
N PRO B 265 3.12 23.85 11.89
CA PRO B 265 2.56 25.11 12.37
C PRO B 265 1.69 25.80 11.35
N GLN B 266 1.88 25.51 10.08
CA GLN B 266 1.11 26.23 9.04
C GLN B 266 -0.16 25.49 8.67
N PRO B 267 -1.30 26.18 8.61
CA PRO B 267 -2.57 25.54 8.34
C PRO B 267 -2.63 24.63 7.14
N LYS B 268 -1.90 25.01 6.08
CA LYS B 268 -1.96 24.30 4.78
C LYS B 268 -0.62 23.65 4.45
N ALA B 269 0.16 23.28 5.48
CA ALA B 269 1.42 22.61 5.21
C ALA B 269 1.19 21.32 4.40
N GLU B 270 2.23 20.94 3.64
CA GLU B 270 2.25 19.72 2.87
C GLU B 270 2.47 18.50 3.76
N SER B 271 1.94 17.36 3.35
CA SER B 271 2.26 16.08 4.01
C SER B 271 3.74 15.76 4.01
N ARG B 272 4.18 15.08 5.06
CA ARG B 272 5.54 14.69 5.24
C ARG B 272 5.68 13.24 5.65
N ARG B 273 5.30 12.33 4.77
CA ARG B 273 5.44 10.92 5.08
C ARG B 273 6.88 10.50 5.26
N ASP B 274 7.78 11.19 4.55
CA ASP B 274 9.18 10.91 4.69
C ASP B 274 9.71 11.13 6.16
N VAL B 275 9.08 12.05 6.89
CA VAL B 275 9.48 12.24 8.32
C VAL B 275 9.17 10.99 9.15
N LEU B 276 8.05 10.32 8.83
CA LEU B 276 7.68 9.14 9.55
C LEU B 276 8.59 7.99 9.23
N ALA B 277 8.92 7.86 7.92
CA ALA B 277 9.91 6.92 7.55
C ALA B 277 11.28 7.08 8.24
N SER B 278 11.70 8.35 8.32
CA SER B 278 12.97 8.72 8.94
C SER B 278 12.95 8.38 10.43
N ALA B 279 11.83 8.60 11.06
CA ALA B 279 11.72 8.23 12.48
C ALA B 279 11.68 6.77 12.76
N ALA B 280 11.07 6.00 11.82
CA ALA B 280 11.03 4.57 11.96
C ALA B 280 12.43 3.96 11.79
N LYS B 281 13.20 4.52 10.81
CA LYS B 281 14.57 4.05 10.66
C LYS B 281 15.41 4.37 11.93
N ILE B 282 15.26 5.56 12.47
CA ILE B 282 16.06 5.95 13.67
C ILE B 282 15.77 5.01 14.82
N VAL B 283 14.50 4.66 15.06
CA VAL B 283 14.22 3.93 16.26
C VAL B 283 14.38 2.44 16.12
N THR B 284 14.49 1.94 14.88
CA THR B 284 14.72 0.49 14.71
C THR B 284 16.17 0.14 14.34
N ASP B 285 17.02 1.12 14.06
CA ASP B 285 18.42 0.86 13.68
C ASP B 285 19.20 0.18 14.80
N GLY B 286 19.99 -0.84 14.44
CA GLY B 286 20.56 -1.77 15.44
C GLY B 286 19.70 -3.01 15.68
C14 TSL C . 14.09 -9.16 -2.71
C2 TSL C . 14.92 -8.92 -3.98
S1 TSL C . 15.12 -10.55 -4.82
O12 TSL C . 16.11 -11.47 -3.98
O13 TSL C . 15.78 -10.27 -6.12
C20 TSL C . 16.31 -8.41 -3.64
C3 TSL C . 14.20 -7.96 -4.94
C9 TSL C . 14.10 -6.55 -4.35
O11 TSL C . 13.16 -6.31 -3.56
O10 TSL C . 14.97 -5.72 -4.70
N4 TSL C . 12.88 -8.48 -5.30
C5 TSL C . 12.09 -7.88 -6.20
C6 TSL C . 10.78 -8.16 -6.21
C7 TSL C . 9.91 -7.62 -7.07
O8 TSL C . 10.13 -6.65 -7.77
C1 GOL D . 7.62 -4.42 -5.38
O1 GOL D . 8.81 -3.63 -5.24
C2 GOL D . 7.66 -5.84 -5.55
O2 GOL D . 8.48 -6.56 -4.72
C3 GOL D . 6.47 -6.58 -5.11
O3 GOL D . 6.46 -7.91 -5.66
C14 TSL E . -9.22 14.06 2.78
C2 TSL E . -8.99 14.94 4.01
S1 TSL E . -10.61 15.12 4.87
O12 TSL E . -11.55 16.09 4.02
O13 TSL E . -10.34 15.79 6.15
C20 TSL E . -8.53 16.34 3.61
C3 TSL E . -8.01 14.29 4.98
C9 TSL E . -6.59 14.22 4.39
O11 TSL E . -6.30 13.21 3.71
O10 TSL E . -5.83 15.18 4.62
N4 TSL E . -8.46 12.97 5.38
C5 TSL E . -7.74 12.15 6.17
C6 TSL E . -8.22 10.93 6.45
C7 TSL E . -7.62 10.07 7.30
O8 TSL E . -6.60 10.31 7.92
C1 GOL F . -6.50 6.90 5.65
O1 GOL F . -7.88 6.61 5.78
C2 GOL F . -5.85 7.92 4.84
O2 GOL F . -6.90 8.71 4.92
C3 GOL F . -4.62 8.19 5.67
O3 GOL F . -3.48 8.80 5.08
#